data_3C24
#
_entry.id   3C24
#
_cell.length_a   47.080
_cell.length_b   80.620
_cell.length_c   142.840
_cell.angle_alpha   90.000
_cell.angle_beta   90.000
_cell.angle_gamma   90.000
#
_symmetry.space_group_name_H-M   'P 21 21 21'
#
loop_
_entity.id
_entity.type
_entity.pdbx_description
1 polymer 'Putative oxidoreductase'
2 non-polymer 'SULFATE ION'
3 non-polymer GLYCEROL
4 water water
#
_entity_poly.entity_id   1
_entity_poly.type   'polypeptide(L)'
_entity_poly.pdbx_seq_one_letter_code
;G(MSE)VKDKNDVGPKTVAILGAGGK(MSE)GARITRKIHDSAHHLAAIEIAPEGRDRLQG(MSE)GIPLTDGDGWIDEA
DVVVLALPDNIIEKVAEDIVPRVRPGTIVLILDAAAPYAGV(MSE)PERADITYFIGHPCHPPLFNDETDPAARTDYHGG
IAKQAIVCAL(MSE)QGPEEHYAIGADICET(MSE)WSPVTRTHRVTTEQLAILEPGLSE(MSE)VA(MSE)PFVET
(MSE)VHAVDECADRYGIDRQAALDF(MSE)IGHLNVEIA(MSE)WFGYSPKVPSDAALRL(MSE)EFAKDIVVKEDWRE
ALNPAKVKQAAELIAGK
;
_entity_poly.pdbx_strand_id   A,B
#
# COMPACT_ATOMS: atom_id res chain seq x y z
N LYS A 6 0.40 -26.47 -16.30
CA LYS A 6 -0.56 -27.62 -16.12
C LYS A 6 0.06 -28.71 -15.28
N ASN A 7 -0.76 -29.20 -14.34
CA ASN A 7 -0.38 -30.26 -13.41
C ASN A 7 -0.85 -31.60 -13.93
N ASP A 8 -0.09 -32.64 -13.55
CA ASP A 8 -0.40 -34.01 -13.96
C ASP A 8 -1.38 -34.65 -12.98
N VAL A 9 -2.31 -33.85 -12.54
CA VAL A 9 -3.36 -34.32 -11.65
C VAL A 9 -4.58 -34.58 -12.53
N GLY A 10 -5.19 -35.72 -12.34
CA GLY A 10 -6.36 -36.07 -13.13
C GLY A 10 -7.62 -35.44 -12.54
N PRO A 11 -8.73 -35.49 -13.29
CA PRO A 11 -9.98 -34.97 -12.77
C PRO A 11 -10.37 -35.67 -11.52
N LYS A 12 -10.85 -34.85 -10.62
CA LYS A 12 -11.30 -35.30 -9.32
CA LYS A 12 -11.30 -35.30 -9.32
C LYS A 12 -12.72 -34.83 -9.09
N THR A 13 -13.41 -35.54 -8.23
CA THR A 13 -14.74 -35.12 -7.83
C THR A 13 -14.56 -34.19 -6.61
N VAL A 14 -15.01 -32.94 -6.77
CA VAL A 14 -14.79 -31.93 -5.76
C VAL A 14 -16.12 -31.43 -5.27
N ALA A 15 -16.40 -31.67 -3.99
CA ALA A 15 -17.59 -31.19 -3.32
C ALA A 15 -17.23 -29.90 -2.63
N ILE A 16 -18.07 -28.90 -2.82
CA ILE A 16 -17.89 -27.61 -2.16
C ILE A 16 -19.07 -27.36 -1.25
N LEU A 17 -18.76 -27.23 0.04
CA LEU A 17 -19.74 -26.92 1.08
C LEU A 17 -19.93 -25.40 1.12
N GLY A 18 -21.20 -24.98 1.15
CA GLY A 18 -21.53 -23.56 1.16
C GLY A 18 -21.28 -23.02 -0.26
N ALA A 19 -21.54 -23.87 -1.22
CA ALA A 19 -21.23 -23.53 -2.64
C ALA A 19 -21.92 -22.33 -3.19
N GLY A 20 -23.07 -21.97 -2.65
CA GLY A 20 -23.85 -20.84 -3.22
C GLY A 20 -23.68 -19.52 -2.50
N GLY A 21 -22.89 -19.54 -1.45
CA GLY A 21 -22.64 -18.36 -0.66
C GLY A 21 -21.72 -17.37 -1.36
N LYS A 22 -21.50 -16.24 -0.71
CA LYS A 22 -20.61 -15.22 -1.28
C LYS A 22 -19.23 -15.81 -1.45
N GLY A 24 -18.36 -19.17 -1.53
CA GLY A 24 -18.51 -20.29 -2.44
C GLY A 24 -18.80 -20.17 -3.91
N ALA A 25 -19.64 -19.23 -4.27
CA ALA A 25 -20.13 -19.16 -5.64
C ALA A 25 -19.02 -18.97 -6.70
N ARG A 26 -18.07 -18.12 -6.38
CA ARG A 26 -16.96 -17.85 -7.30
C ARG A 26 -16.11 -19.09 -7.55
N ILE A 27 -15.77 -19.76 -6.47
CA ILE A 27 -14.94 -20.97 -6.55
C ILE A 27 -15.69 -22.14 -7.19
N THR A 28 -16.99 -22.20 -6.94
CA THR A 28 -17.85 -23.23 -7.49
C THR A 28 -17.91 -23.07 -9.01
N ARG A 29 -18.04 -21.82 -9.47
CA ARG A 29 -18.05 -21.54 -10.92
C ARG A 29 -16.72 -22.01 -11.54
N LYS A 30 -15.62 -21.72 -10.85
CA LYS A 30 -14.31 -22.14 -11.36
C LYS A 30 -14.23 -23.65 -11.51
N ILE A 31 -14.71 -24.38 -10.51
CA ILE A 31 -14.68 -25.85 -10.57
C ILE A 31 -15.63 -26.35 -11.65
N HIS A 32 -16.82 -25.76 -11.69
CA HIS A 32 -17.78 -26.14 -12.73
C HIS A 32 -17.21 -26.04 -14.12
N ASP A 33 -16.47 -24.97 -14.37
CA ASP A 33 -15.93 -24.70 -15.70
C ASP A 33 -14.68 -25.51 -15.97
N SER A 34 -14.13 -26.12 -14.94
CA SER A 34 -12.90 -26.93 -15.09
C SER A 34 -13.21 -28.37 -15.47
N ALA A 35 -12.14 -29.16 -15.59
CA ALA A 35 -12.23 -30.61 -15.95
C ALA A 35 -12.59 -31.45 -14.73
N HIS A 36 -12.50 -30.84 -13.56
CA HIS A 36 -12.92 -31.52 -12.35
C HIS A 36 -14.43 -31.66 -12.28
N HIS A 37 -14.90 -32.65 -11.54
CA HIS A 37 -16.33 -32.93 -11.40
C HIS A 37 -16.84 -32.29 -10.15
N LEU A 38 -17.84 -31.46 -10.30
CA LEU A 38 -18.37 -30.70 -9.17
C LEU A 38 -19.56 -31.30 -8.48
N ALA A 39 -19.54 -31.19 -7.17
CA ALA A 39 -20.73 -31.45 -6.32
C ALA A 39 -20.94 -30.21 -5.47
N ALA A 40 -21.92 -29.38 -5.87
CA ALA A 40 -22.22 -28.11 -5.19
C ALA A 40 -23.18 -28.36 -4.08
N ILE A 41 -22.67 -28.23 -2.86
CA ILE A 41 -23.47 -28.47 -1.64
C ILE A 41 -23.89 -27.15 -1.02
N GLU A 42 -25.21 -26.94 -1.01
CA GLU A 42 -25.77 -25.68 -0.53
C GLU A 42 -27.18 -25.87 -0.07
N ILE A 43 -27.41 -25.57 1.20
CA ILE A 43 -28.73 -25.76 1.79
C ILE A 43 -29.49 -24.46 1.89
N ALA A 44 -28.82 -23.32 1.86
CA ALA A 44 -29.53 -22.04 2.01
C ALA A 44 -30.32 -21.73 0.74
N PRO A 45 -31.58 -21.35 0.89
CA PRO A 45 -32.33 -21.12 -0.35
C PRO A 45 -31.74 -20.03 -1.26
N GLU A 46 -31.23 -18.94 -0.69
CA GLU A 46 -30.69 -17.86 -1.51
C GLU A 46 -29.45 -18.34 -2.27
N GLY A 47 -28.67 -19.21 -1.63
CA GLY A 47 -27.47 -19.80 -2.24
C GLY A 47 -27.83 -20.72 -3.40
N ARG A 48 -28.89 -21.51 -3.21
CA ARG A 48 -29.37 -22.42 -4.26
C ARG A 48 -29.85 -21.60 -5.47
N ASP A 49 -30.50 -20.48 -5.19
CA ASP A 49 -31.00 -19.65 -6.28
C ASP A 49 -29.85 -19.06 -7.06
N ARG A 50 -28.81 -18.73 -6.34
CA ARG A 50 -27.64 -18.09 -6.95
C ARG A 50 -27.00 -19.08 -7.93
N LEU A 51 -26.82 -20.31 -7.48
CA LEU A 51 -26.20 -21.34 -8.29
C LEU A 51 -27.06 -21.59 -9.51
N GLN A 52 -28.35 -21.72 -9.27
CA GLN A 52 -29.25 -21.95 -10.40
C GLN A 52 -29.09 -20.87 -11.46
N GLY A 53 -28.91 -19.65 -11.00
CA GLY A 53 -28.81 -18.48 -11.89
C GLY A 53 -27.54 -18.52 -12.72
N GLY A 55 -26.36 -21.40 -13.75
CA GLY A 55 -26.49 -22.67 -14.47
C GLY A 55 -25.74 -23.83 -13.84
N ILE A 56 -25.51 -23.71 -12.54
CA ILE A 56 -24.81 -24.77 -11.81
C ILE A 56 -25.79 -25.70 -11.10
N PRO A 57 -25.65 -27.02 -11.33
CA PRO A 57 -26.61 -27.91 -10.70
C PRO A 57 -26.43 -28.02 -9.20
N LEU A 58 -27.54 -28.21 -8.50
CA LEU A 58 -27.52 -28.41 -7.05
C LEU A 58 -27.37 -29.88 -6.73
N THR A 59 -26.52 -30.19 -5.76
CA THR A 59 -26.30 -31.59 -5.40
C THR A 59 -26.94 -31.91 -4.07
N ASP A 60 -28.11 -32.57 -4.14
CA ASP A 60 -28.89 -32.94 -2.94
C ASP A 60 -28.72 -34.33 -2.40
N GLY A 61 -29.22 -34.47 -1.19
CA GLY A 61 -29.06 -35.72 -0.44
C GLY A 61 -27.63 -35.82 0.02
N ASP A 62 -27.21 -37.05 0.31
CA ASP A 62 -25.88 -37.31 0.88
C ASP A 62 -25.05 -38.24 0.08
N GLY A 63 -25.57 -38.66 -1.06
CA GLY A 63 -24.83 -39.61 -1.89
C GLY A 63 -23.49 -39.08 -2.35
N TRP A 64 -23.39 -37.77 -2.36
CA TRP A 64 -22.16 -37.12 -2.84
C TRP A 64 -20.96 -37.46 -2.00
N ILE A 65 -21.23 -37.63 -0.73
CA ILE A 65 -20.16 -37.91 0.24
C ILE A 65 -19.28 -39.09 -0.22
N ASP A 66 -19.91 -40.12 -0.78
CA ASP A 66 -19.22 -41.34 -1.23
C ASP A 66 -18.55 -41.21 -2.56
N GLU A 67 -18.74 -40.06 -3.18
CA GLU A 67 -18.16 -39.83 -4.50
C GLU A 67 -17.02 -38.82 -4.44
N ALA A 68 -16.98 -38.08 -3.35
CA ALA A 68 -16.03 -36.95 -3.21
C ALA A 68 -14.61 -37.34 -2.93
N ASP A 69 -13.72 -36.87 -3.79
CA ASP A 69 -12.29 -37.03 -3.62
C ASP A 69 -11.76 -35.89 -2.72
N VAL A 70 -12.41 -34.75 -2.88
CA VAL A 70 -12.03 -33.52 -2.21
C VAL A 70 -13.30 -32.87 -1.70
N VAL A 71 -13.24 -32.38 -0.46
CA VAL A 71 -14.34 -31.63 0.17
C VAL A 71 -13.77 -30.30 0.65
N VAL A 72 -14.29 -29.24 0.04
CA VAL A 72 -13.86 -27.88 0.26
C VAL A 72 -14.80 -27.19 1.21
N LEU A 73 -14.25 -26.68 2.29
CA LEU A 73 -15.03 -26.00 3.31
C LEU A 73 -15.11 -24.49 3.07
N ALA A 74 -15.98 -24.09 2.16
CA ALA A 74 -16.12 -22.65 1.77
C ALA A 74 -17.07 -21.94 2.74
N LEU A 75 -16.70 -21.98 4.01
CA LEU A 75 -17.50 -21.44 5.09
C LEU A 75 -16.69 -20.52 5.98
N PRO A 76 -17.38 -19.65 6.74
CA PRO A 76 -16.61 -18.72 7.60
C PRO A 76 -15.90 -19.42 8.72
N ASP A 77 -14.74 -18.87 9.06
CA ASP A 77 -13.87 -19.49 10.08
C ASP A 77 -14.56 -19.81 11.37
N ASN A 78 -15.56 -19.01 11.73
CA ASN A 78 -16.24 -19.22 13.03
C ASN A 78 -17.22 -20.40 13.07
N ILE A 79 -17.38 -21.08 11.95
CA ILE A 79 -18.22 -22.28 12.00
C ILE A 79 -17.44 -23.49 11.45
N ILE A 80 -16.20 -23.27 11.06
CA ILE A 80 -15.40 -24.38 10.50
C ILE A 80 -15.31 -25.57 11.45
N GLU A 81 -15.17 -25.28 12.74
CA GLU A 81 -15.04 -26.39 13.72
C GLU A 81 -16.28 -27.26 13.72
N LYS A 82 -17.43 -26.60 13.74
CA LYS A 82 -18.74 -27.30 13.77
C LYS A 82 -18.97 -28.05 12.49
N VAL A 83 -18.65 -27.41 11.38
CA VAL A 83 -18.89 -28.03 10.05
C VAL A 83 -17.97 -29.25 9.87
N ALA A 84 -16.73 -29.10 10.30
CA ALA A 84 -15.77 -30.21 10.19
C ALA A 84 -16.13 -31.36 11.10
N GLU A 85 -16.67 -31.03 12.27
CA GLU A 85 -17.08 -32.08 13.21
C GLU A 85 -18.19 -32.91 12.64
N ASP A 86 -18.98 -32.26 11.80
CA ASP A 86 -20.09 -32.93 11.16
C ASP A 86 -19.63 -33.81 9.99
N ILE A 87 -18.80 -33.23 9.14
CA ILE A 87 -18.41 -33.89 7.88
C ILE A 87 -17.20 -34.81 7.95
N VAL A 88 -16.17 -34.41 8.69
CA VAL A 88 -14.94 -35.22 8.73
C VAL A 88 -15.19 -36.70 9.05
N PRO A 89 -16.04 -37.01 10.05
CA PRO A 89 -16.23 -38.44 10.35
C PRO A 89 -17.00 -39.22 9.30
N ARG A 90 -17.60 -38.50 8.36
CA ARG A 90 -18.47 -39.10 7.35
C ARG A 90 -17.82 -39.44 6.02
N VAL A 91 -16.67 -38.81 5.75
CA VAL A 91 -16.01 -39.00 4.46
C VAL A 91 -15.24 -40.33 4.39
N ARG A 92 -14.98 -40.80 3.17
CA ARG A 92 -14.24 -42.04 2.99
C ARG A 92 -12.76 -41.83 3.35
N PRO A 93 -12.10 -42.89 3.82
CA PRO A 93 -10.67 -42.73 4.11
C PRO A 93 -10.00 -42.16 2.87
N GLY A 94 -9.00 -41.31 3.07
CA GLY A 94 -8.25 -40.77 1.91
C GLY A 94 -8.81 -39.55 1.26
N THR A 95 -9.99 -39.13 1.71
CA THR A 95 -10.61 -37.91 1.24
C THR A 95 -9.74 -36.73 1.67
N ILE A 96 -9.62 -35.74 0.79
CA ILE A 96 -8.89 -34.52 1.07
C ILE A 96 -9.91 -33.46 1.51
N VAL A 97 -9.82 -33.08 2.77
CA VAL A 97 -10.63 -31.99 3.36
C VAL A 97 -9.80 -30.72 3.24
N LEU A 98 -10.33 -29.79 2.43
CA LEU A 98 -9.62 -28.60 2.04
C LEU A 98 -10.18 -27.36 2.71
N ILE A 99 -9.30 -26.77 3.51
CA ILE A 99 -9.60 -25.57 4.31
CA ILE A 99 -9.56 -25.57 4.32
C ILE A 99 -8.93 -24.37 3.65
N LEU A 100 -9.68 -23.26 3.63
CA LEU A 100 -9.26 -22.08 2.91
C LEU A 100 -8.61 -21.00 3.76
N ASP A 101 -8.27 -21.36 4.99
CA ASP A 101 -7.67 -20.45 5.95
C ASP A 101 -7.02 -21.26 7.06
N ALA A 102 -5.84 -20.86 7.46
CA ALA A 102 -5.10 -21.57 8.50
C ALA A 102 -5.62 -21.37 9.91
N ALA A 103 -6.56 -20.45 10.11
CA ALA A 103 -7.00 -20.13 11.47
C ALA A 103 -7.50 -21.34 12.29
N ALA A 104 -8.53 -22.01 11.81
CA ALA A 104 -9.07 -23.17 12.58
C ALA A 104 -8.03 -24.28 12.76
N PRO A 105 -7.33 -24.65 11.68
CA PRO A 105 -6.27 -25.65 11.75
C PRO A 105 -5.24 -25.30 12.81
N TYR A 106 -4.75 -24.08 12.78
CA TYR A 106 -3.66 -23.68 13.71
C TYR A 106 -4.19 -23.52 15.12
N ALA A 107 -5.48 -23.20 15.23
CA ALA A 107 -6.12 -23.06 16.56
C ALA A 107 -6.23 -24.39 17.24
N GLY A 108 -6.14 -25.43 16.43
CA GLY A 108 -6.19 -26.80 16.93
C GLY A 108 -7.59 -27.36 17.10
N VAL A 109 -8.53 -26.85 16.33
CA VAL A 109 -9.93 -27.24 16.47
C VAL A 109 -10.42 -28.22 15.42
N PRO A 111 -11.14 -31.71 13.76
CA PRO A 111 -11.29 -33.01 14.42
C PRO A 111 -10.15 -33.91 14.12
N GLU A 112 -9.80 -34.71 15.11
CA GLU A 112 -8.75 -35.72 14.95
CA GLU A 112 -8.72 -35.68 14.91
C GLU A 112 -9.24 -36.92 14.19
N ARG A 113 -8.66 -37.12 13.02
CA ARG A 113 -8.94 -38.26 12.15
C ARG A 113 -7.72 -38.50 11.23
N ALA A 114 -7.00 -39.55 11.54
CA ALA A 114 -5.70 -39.82 10.93
C ALA A 114 -5.69 -40.24 9.49
N ASP A 115 -6.76 -40.92 9.10
CA ASP A 115 -6.86 -41.58 7.79
C ASP A 115 -7.53 -40.74 6.72
N ILE A 116 -7.56 -39.45 6.95
CA ILE A 116 -7.97 -38.48 5.93
C ILE A 116 -6.84 -37.43 5.79
N THR A 117 -6.96 -36.59 4.76
CA THR A 117 -5.98 -35.55 4.48
C THR A 117 -6.59 -34.20 4.77
N TYR A 118 -5.82 -33.35 5.41
CA TYR A 118 -6.16 -31.94 5.60
C TYR A 118 -5.16 -31.15 4.79
N PHE A 119 -5.72 -30.31 3.93
CA PHE A 119 -4.97 -29.45 3.05
C PHE A 119 -5.49 -28.05 3.25
N ILE A 120 -4.57 -27.13 3.38
CA ILE A 120 -4.85 -25.67 3.59
C ILE A 120 -4.34 -24.88 2.40
N GLY A 121 -5.20 -24.00 1.88
CA GLY A 121 -4.80 -23.05 0.85
C GLY A 121 -5.27 -21.65 1.18
N HIS A 122 -4.52 -20.66 0.70
CA HIS A 122 -4.95 -19.27 0.86
C HIS A 122 -4.36 -18.42 -0.24
N PRO A 123 -5.17 -17.51 -0.84
CA PRO A 123 -4.62 -16.68 -1.90
C PRO A 123 -3.72 -15.58 -1.35
N CYS A 124 -2.77 -15.13 -2.16
CA CYS A 124 -1.95 -13.97 -1.78
C CYS A 124 -2.73 -12.68 -2.09
N HIS A 125 -3.65 -12.84 -3.04
CA HIS A 125 -4.42 -11.79 -3.71
C HIS A 125 -3.54 -11.15 -4.84
N PRO A 126 -4.18 -10.57 -5.88
CA PRO A 126 -3.32 -9.98 -6.90
C PRO A 126 -2.38 -8.91 -6.32
N PRO A 127 -1.20 -8.76 -6.89
CA PRO A 127 -0.28 -7.76 -6.35
C PRO A 127 -0.61 -6.31 -6.64
N LEU A 128 -0.33 -5.51 -5.61
N LEU A 128 0.02 -5.44 -5.87
CA LEU A 128 -0.54 -4.07 -5.56
CA LEU A 128 0.06 -4.04 -6.25
C LEU A 128 -0.07 -3.38 -6.85
C LEU A 128 1.06 -3.97 -7.44
N PHE A 129 1.13 -3.66 -7.28
N PHE A 129 1.07 -2.87 -8.19
CA PHE A 129 1.63 -3.16 -8.57
CA PHE A 129 2.06 -2.68 -9.24
C PHE A 129 1.58 -4.33 -9.56
C PHE A 129 2.05 -3.73 -10.33
N ASN A 130 0.86 -4.14 -10.67
CA ASN A 130 0.72 -5.17 -11.67
C ASN A 130 0.63 -4.58 -13.08
N ASP A 131 0.65 -5.50 -14.02
CA ASP A 131 0.60 -5.24 -15.45
C ASP A 131 -0.75 -5.49 -16.09
N GLU A 132 -1.78 -5.65 -15.28
CA GLU A 132 -3.10 -5.98 -15.83
C GLU A 132 -3.64 -4.86 -16.68
N THR A 133 -4.32 -5.24 -17.74
CA THR A 133 -4.92 -4.28 -18.66
C THR A 133 -6.44 -4.39 -18.78
N ASP A 134 -6.98 -5.59 -18.59
CA ASP A 134 -8.46 -5.75 -18.59
C ASP A 134 -9.04 -4.99 -17.43
N PRO A 135 -10.02 -4.12 -17.68
CA PRO A 135 -10.43 -3.32 -16.54
C PRO A 135 -10.96 -4.09 -15.32
N ALA A 136 -11.56 -5.25 -15.57
CA ALA A 136 -12.14 -6.06 -14.49
C ALA A 136 -10.99 -6.69 -13.70
N ALA A 137 -9.87 -6.89 -14.37
CA ALA A 137 -8.66 -7.41 -13.73
C ALA A 137 -7.97 -6.31 -12.87
N ARG A 138 -7.98 -5.09 -13.40
CA ARG A 138 -7.34 -3.98 -12.71
C ARG A 138 -8.02 -3.63 -11.40
N THR A 139 -9.31 -3.90 -11.30
CA THR A 139 -10.08 -3.64 -10.08
C THR A 139 -10.42 -4.92 -9.35
N ASP A 140 -9.70 -5.98 -9.70
CA ASP A 140 -9.77 -7.24 -8.96
C ASP A 140 -8.73 -7.28 -7.85
N TYR A 141 -9.17 -6.92 -6.66
CA TYR A 141 -8.26 -6.84 -5.53
C TYR A 141 -8.21 -8.11 -4.76
N HIS A 142 -9.10 -9.05 -5.09
CA HIS A 142 -9.18 -10.31 -4.38
C HIS A 142 -8.63 -11.53 -5.06
N GLY A 143 -8.80 -11.61 -6.39
CA GLY A 143 -8.38 -12.78 -7.15
C GLY A 143 -9.50 -13.38 -7.94
N GLY A 144 -9.12 -14.16 -8.94
CA GLY A 144 -10.10 -14.82 -9.78
C GLY A 144 -10.18 -14.24 -11.17
N ILE A 145 -9.68 -13.01 -11.34
CA ILE A 145 -9.64 -12.31 -12.67
C ILE A 145 -8.19 -11.92 -12.97
N ALA A 146 -7.62 -11.15 -12.04
CA ALA A 146 -6.20 -10.75 -12.08
C ALA A 146 -5.34 -11.90 -11.59
N LYS A 147 -4.14 -11.99 -12.14
CA LYS A 147 -3.17 -13.03 -11.77
C LYS A 147 -2.75 -12.82 -10.30
N GLN A 148 -2.51 -13.93 -9.59
CA GLN A 148 -2.04 -13.89 -8.21
C GLN A 148 -1.27 -15.13 -7.93
N ALA A 149 -0.46 -15.05 -6.89
CA ALA A 149 0.20 -16.22 -6.31
C ALA A 149 -0.71 -16.76 -5.16
N ILE A 150 -0.48 -18.00 -4.75
CA ILE A 150 -1.18 -18.60 -3.61
C ILE A 150 -0.19 -19.34 -2.73
N VAL A 151 -0.65 -19.67 -1.51
CA VAL A 151 0.15 -20.45 -0.54
CA VAL A 151 0.16 -20.45 -0.57
C VAL A 151 -0.65 -21.66 -0.08
N CYS A 152 0.04 -22.80 0.03
CA CYS A 152 -0.61 -24.04 0.40
C CYS A 152 0.23 -24.85 1.36
N ALA A 153 -0.45 -25.61 2.20
CA ALA A 153 0.17 -26.52 3.12
C ALA A 153 -0.55 -27.84 3.22
N LEU A 154 0.23 -28.90 3.23
CA LEU A 154 -0.27 -30.22 3.53
C LEU A 154 -0.20 -30.36 5.04
N GLN A 156 -1.88 -32.67 6.95
CA GLN A 156 -1.71 -34.07 7.24
C GLN A 156 -2.13 -34.89 6.05
N GLY A 157 -1.56 -36.07 5.94
CA GLY A 157 -1.91 -36.99 4.86
C GLY A 157 -0.74 -37.34 3.98
N PRO A 158 -0.98 -38.24 3.05
CA PRO A 158 0.06 -38.67 2.12
C PRO A 158 0.59 -37.55 1.26
N GLU A 159 1.89 -37.62 1.00
CA GLU A 159 2.60 -36.65 0.17
C GLU A 159 1.97 -36.40 -1.18
N GLU A 160 1.51 -37.47 -1.75
CA GLU A 160 0.91 -37.45 -3.10
C GLU A 160 -0.30 -36.52 -3.19
N HIS A 161 -0.87 -36.25 -2.02
CA HIS A 161 -2.07 -35.41 -1.95
C HIS A 161 -1.74 -33.93 -2.03
N TYR A 162 -0.47 -33.57 -1.87
CA TYR A 162 -0.14 -32.14 -1.94
C TYR A 162 -0.47 -31.63 -3.35
N ALA A 163 -0.03 -32.39 -4.34
CA ALA A 163 -0.21 -32.01 -5.76
C ALA A 163 -1.69 -31.87 -6.07
N ILE A 164 -2.49 -32.73 -5.49
CA ILE A 164 -3.92 -32.73 -5.79
C ILE A 164 -4.55 -31.45 -5.19
N GLY A 165 -4.27 -31.21 -3.92
CA GLY A 165 -4.82 -30.03 -3.26
C GLY A 165 -4.37 -28.77 -3.93
N ALA A 166 -3.11 -28.72 -4.35
CA ALA A 166 -2.57 -27.53 -5.04
C ALA A 166 -3.31 -27.28 -6.37
N ASP A 167 -3.53 -28.37 -7.08
CA ASP A 167 -4.27 -28.29 -8.36
C ASP A 167 -5.68 -27.74 -8.14
N ILE A 168 -6.34 -28.19 -7.10
CA ILE A 168 -7.68 -27.72 -6.80
C ILE A 168 -7.64 -26.22 -6.48
N CYS A 169 -6.69 -25.82 -5.65
CA CYS A 169 -6.56 -24.39 -5.30
C CYS A 169 -6.22 -23.53 -6.50
N GLU A 170 -5.38 -24.07 -7.38
CA GLU A 170 -4.98 -23.35 -8.59
C GLU A 170 -6.17 -23.17 -9.57
N THR A 171 -7.09 -24.11 -9.48
CA THR A 171 -8.30 -24.07 -10.31
C THR A 171 -9.28 -23.07 -9.69
N TRP A 173 -8.75 -20.51 -7.78
CA TRP A 173 -8.24 -19.15 -7.65
C TRP A 173 -7.49 -18.65 -8.86
N SER A 174 -7.72 -19.33 -9.99
CA SER A 174 -7.09 -18.97 -11.28
C SER A 174 -7.43 -17.53 -11.67
N PRO A 175 -6.51 -16.83 -12.34
CA PRO A 175 -5.22 -17.36 -12.76
C PRO A 175 -4.15 -17.23 -11.70
N VAL A 176 -3.44 -18.32 -11.47
CA VAL A 176 -2.38 -18.37 -10.46
C VAL A 176 -1.04 -18.49 -11.13
N THR A 177 -0.12 -17.66 -10.69
CA THR A 177 1.19 -17.63 -11.27
C THR A 177 2.13 -18.58 -10.59
N ARG A 178 2.12 -18.51 -9.28
CA ARG A 178 3.00 -19.28 -8.40
C ARG A 178 2.21 -19.88 -7.23
N THR A 179 2.56 -21.12 -6.89
CA THR A 179 2.02 -21.79 -5.73
C THR A 179 3.14 -22.14 -4.80
N HIS A 180 3.14 -21.45 -3.66
CA HIS A 180 4.15 -21.60 -2.61
C HIS A 180 3.73 -22.62 -1.56
N ARG A 181 4.53 -23.67 -1.42
CA ARG A 181 4.32 -24.70 -0.42
C ARG A 181 5.00 -24.33 0.88
N VAL A 182 4.20 -24.34 1.94
CA VAL A 182 4.67 -24.07 3.30
C VAL A 182 4.13 -25.11 4.30
N THR A 183 4.58 -25.01 5.53
CA THR A 183 4.02 -25.83 6.60
C THR A 183 2.78 -25.16 7.13
N THR A 184 2.00 -25.92 7.89
CA THR A 184 0.79 -25.39 8.53
C THR A 184 1.14 -24.16 9.37
N GLU A 185 2.19 -24.28 10.18
CA GLU A 185 2.57 -23.14 11.04
C GLU A 185 3.05 -21.91 10.27
N GLN A 186 3.82 -22.17 9.21
CA GLN A 186 4.27 -21.09 8.34
C GLN A 186 3.08 -20.39 7.70
N LEU A 187 2.06 -21.15 7.27
CA LEU A 187 0.90 -20.53 6.64
C LEU A 187 0.17 -19.66 7.65
N ALA A 188 0.10 -20.14 8.90
CA ALA A 188 -0.54 -19.39 10.00
C ALA A 188 0.20 -18.08 10.29
N ILE A 189 1.52 -18.14 10.21
CA ILE A 189 2.37 -16.93 10.38
C ILE A 189 2.05 -15.89 9.33
N LEU A 190 1.77 -16.38 8.13
CA LEU A 190 1.41 -15.50 7.00
C LEU A 190 0.01 -14.94 7.25
N GLU A 191 -0.92 -15.81 7.62
CA GLU A 191 -2.29 -15.42 7.95
C GLU A 191 -2.80 -16.36 9.04
N PRO A 192 -3.17 -15.83 10.20
CA PRO A 192 -3.40 -14.41 10.45
C PRO A 192 -2.23 -13.47 10.82
N GLY A 193 -1.02 -13.99 10.91
CA GLY A 193 0.11 -13.19 11.35
C GLY A 193 0.46 -11.97 10.54
N LEU A 194 0.99 -12.22 9.36
CA LEU A 194 1.43 -11.12 8.53
C LEU A 194 0.24 -10.29 8.05
N SER A 195 -0.83 -10.97 7.66
CA SER A 195 -1.98 -10.29 7.04
C SER A 195 -2.82 -9.50 8.05
N GLU A 196 -3.06 -10.11 9.18
CA GLU A 196 -3.98 -9.50 10.14
C GLU A 196 -3.42 -8.91 11.39
N VAL A 198 -0.11 -7.77 11.45
CA VAL A 198 0.88 -6.76 11.03
C VAL A 198 0.30 -5.79 10.05
N ALA A 199 -0.08 -6.30 8.88
CA ALA A 199 -0.55 -5.38 7.82
C ALA A 199 -1.84 -4.64 8.18
N PRO A 201 -3.35 -3.73 11.10
CA PRO A 201 -3.34 -2.56 11.97
C PRO A 201 -2.67 -1.35 11.36
N PHE A 202 -1.68 -1.59 10.51
CA PHE A 202 -0.94 -0.53 9.72
C PHE A 202 -1.90 0.20 8.85
N VAL A 203 -2.65 -0.59 8.10
CA VAL A 203 -3.60 -0.01 7.16
C VAL A 203 -4.69 0.80 7.86
N GLU A 204 -5.26 0.24 8.92
CA GLU A 204 -6.27 1.00 9.69
C GLU A 204 -5.69 2.29 10.24
N THR A 205 -4.47 2.20 10.77
CA THR A 205 -3.78 3.40 11.27
C THR A 205 -3.64 4.46 10.16
N VAL A 207 -5.63 5.01 7.60
CA VAL A 207 -6.93 5.64 7.42
C VAL A 207 -7.22 6.60 8.58
N HIS A 208 -6.96 6.17 9.78
CA HIS A 208 -7.22 6.98 10.93
C HIS A 208 -6.31 8.21 10.98
N ALA A 209 -5.16 8.11 10.32
CA ALA A 209 -4.22 9.26 10.27
C ALA A 209 -4.81 10.32 9.32
N VAL A 210 -5.41 9.86 8.23
CA VAL A 210 -6.11 10.77 7.33
C VAL A 210 -7.26 11.46 8.12
N ASP A 211 -7.98 10.67 8.90
CA ASP A 211 -9.11 11.17 9.71
C ASP A 211 -8.63 12.24 10.71
N GLU A 212 -7.47 12.01 11.28
CA GLU A 212 -6.90 12.95 12.23
C GLU A 212 -6.58 14.31 11.56
N CYS A 213 -6.03 14.22 10.37
CA CYS A 213 -5.71 15.44 9.60
C CYS A 213 -6.93 16.31 9.39
N ALA A 214 -8.03 15.66 9.04
CA ALA A 214 -9.30 16.36 8.72
C ALA A 214 -10.05 16.79 9.96
N ASP A 215 -10.14 15.89 10.93
CA ASP A 215 -10.92 16.10 12.16
C ASP A 215 -10.27 17.01 13.18
N ARG A 216 -8.95 16.91 13.29
CA ARG A 216 -8.24 17.63 14.30
C ARG A 216 -7.52 18.88 13.80
N TYR A 217 -7.01 18.84 12.57
CA TYR A 217 -6.18 19.92 12.06
C TYR A 217 -6.77 20.74 10.91
N GLY A 218 -8.01 20.45 10.62
CA GLY A 218 -8.79 21.22 9.64
C GLY A 218 -8.45 21.02 8.19
N ILE A 219 -7.71 19.96 7.88
CA ILE A 219 -7.30 19.72 6.52
C ILE A 219 -8.45 19.07 5.75
N ASP A 220 -8.76 19.66 4.62
CA ASP A 220 -9.78 19.07 3.72
C ASP A 220 -9.48 17.59 3.61
N ARG A 221 -10.51 16.76 3.80
CA ARG A 221 -10.21 15.29 3.77
CA ARG A 221 -10.34 15.31 3.70
C ARG A 221 -9.69 14.82 2.43
N GLN A 222 -10.17 15.36 1.33
CA GLN A 222 -9.69 14.94 0.02
C GLN A 222 -8.21 15.28 -0.14
N ALA A 223 -7.80 16.38 0.45
CA ALA A 223 -6.37 16.77 0.42
C ALA A 223 -5.56 15.76 1.15
N ALA A 224 -6.00 15.41 2.36
CA ALA A 224 -5.24 14.44 3.18
C ALA A 224 -5.22 13.09 2.53
N LEU A 225 -6.35 12.72 1.96
CA LEU A 225 -6.48 11.41 1.25
CA LEU A 225 -6.48 11.43 1.26
C LEU A 225 -5.57 11.35 0.05
N ASP A 226 -5.63 12.36 -0.80
CA ASP A 226 -4.77 12.44 -1.97
C ASP A 226 -3.30 12.31 -1.56
N PHE A 227 -2.95 13.00 -0.49
CA PHE A 227 -1.55 13.03 -0.02
C PHE A 227 -1.13 11.63 0.47
N ILE A 229 -2.62 8.64 -0.21
CA ILE A 229 -2.66 7.58 -1.20
C ILE A 229 -1.49 7.69 -2.20
N GLY A 230 -1.12 8.91 -2.52
CA GLY A 230 0.07 9.17 -3.33
C GLY A 230 1.35 8.77 -2.64
N HIS A 231 1.43 9.01 -1.32
CA HIS A 231 2.62 8.65 -0.60
C HIS A 231 2.76 7.16 -0.38
N LEU A 232 1.63 6.48 -0.26
CA LEU A 232 1.68 5.02 -0.14
C LEU A 232 2.21 4.45 -1.44
N ASN A 233 1.82 5.06 -2.53
CA ASN A 233 2.28 4.64 -3.86
C ASN A 233 3.80 4.71 -3.96
N VAL A 234 4.33 5.89 -3.72
CA VAL A 234 5.77 6.05 -3.85
C VAL A 234 6.56 5.30 -2.75
N GLU A 235 6.07 5.27 -1.50
CA GLU A 235 6.82 4.66 -0.42
C GLU A 235 6.81 3.14 -0.52
N ILE A 236 5.66 2.54 -0.85
CA ILE A 236 5.63 1.08 -1.00
C ILE A 236 6.48 0.70 -2.19
N ALA A 237 6.40 1.48 -3.26
CA ALA A 237 7.16 1.17 -4.47
C ALA A 237 8.68 1.20 -4.17
N TRP A 239 10.23 1.04 -1.15
CA TRP A 239 10.65 0.10 -0.14
C TRP A 239 10.68 -1.34 -0.61
N PHE A 240 9.80 -1.66 -1.55
CA PHE A 240 9.64 -3.06 -2.08
C PHE A 240 10.34 -3.26 -3.44
N GLY A 241 11.15 -2.30 -3.82
CA GLY A 241 11.99 -2.40 -5.06
C GLY A 241 11.33 -2.27 -6.41
N TYR A 242 10.21 -1.58 -6.44
CA TYR A 242 9.48 -1.32 -7.67
C TYR A 242 9.97 -0.04 -8.28
N SER A 243 10.63 0.74 -7.45
CA SER A 243 11.21 2.01 -7.86
C SER A 243 12.51 2.22 -7.15
N PRO A 244 13.45 2.98 -7.75
CA PRO A 244 14.70 3.30 -7.04
C PRO A 244 14.54 3.97 -5.66
N LYS A 245 15.22 3.38 -4.70
CA LYS A 245 15.22 3.84 -3.29
C LYS A 245 15.98 5.13 -3.00
N VAL A 246 15.20 6.21 -2.92
CA VAL A 246 15.70 7.53 -2.49
C VAL A 246 14.93 7.99 -1.25
N ALA A 250 17.36 12.64 5.27
CA ALA A 250 16.38 13.71 5.48
C ALA A 250 15.07 13.08 5.86
N ALA A 251 14.57 12.34 4.88
CA ALA A 251 13.33 11.59 5.02
C ALA A 251 13.65 10.39 5.84
N LEU A 252 14.77 9.81 5.47
CA LEU A 252 15.27 8.61 6.14
C LEU A 252 15.79 9.04 7.45
N ARG A 253 16.67 10.01 7.32
CA ARG A 253 17.36 10.67 8.44
C ARG A 253 16.35 11.32 9.36
N LEU A 254 15.50 10.44 9.92
CA LEU A 254 14.33 10.82 10.70
C LEU A 254 13.54 9.57 11.18
N GLU A 256 14.27 6.86 12.89
CA GLU A 256 14.34 6.31 14.23
C GLU A 256 13.38 7.14 15.08
N PHE A 257 13.39 8.40 14.68
CA PHE A 257 12.65 9.48 15.35
C PHE A 257 11.21 9.13 15.26
N ALA A 258 10.78 8.79 14.06
CA ALA A 258 9.37 8.47 13.86
C ALA A 258 8.97 7.12 14.44
N LYS A 259 9.80 6.13 14.19
CA LYS A 259 9.46 4.77 14.60
C LYS A 259 9.03 4.66 16.03
N ASP A 260 9.86 5.24 16.83
CA ASP A 260 9.69 5.30 18.28
C ASP A 260 8.30 5.81 18.66
N ILE A 261 7.73 6.61 17.77
CA ILE A 261 6.47 7.26 18.08
C ILE A 261 5.24 6.47 17.71
N VAL A 262 5.33 5.73 16.62
CA VAL A 262 4.20 5.02 16.03
CA VAL A 262 4.16 5.02 16.11
C VAL A 262 4.21 3.49 16.16
N VAL A 263 5.39 2.92 16.06
CA VAL A 263 5.55 1.46 16.08
C VAL A 263 6.14 0.93 17.41
N LYS A 264 5.47 -0.08 17.94
CA LYS A 264 5.93 -0.74 19.18
C LYS A 264 7.24 -1.45 18.88
N GLU A 265 8.19 -1.24 19.78
CA GLU A 265 9.53 -1.82 19.61
CA GLU A 265 9.53 -1.83 19.70
C GLU A 265 9.51 -3.35 19.43
N ASP A 266 8.66 -4.03 20.19
CA ASP A 266 8.53 -5.50 20.12
CA ASP A 266 8.54 -5.50 20.09
C ASP A 266 7.44 -5.96 19.15
N TRP A 267 7.22 -5.18 18.10
CA TRP A 267 6.17 -5.50 17.11
C TRP A 267 6.31 -6.89 16.48
N ARG A 268 7.52 -7.43 16.45
CA ARG A 268 7.74 -8.76 15.87
C ARG A 268 6.99 -9.88 16.59
N GLU A 269 6.57 -9.59 17.80
CA GLU A 269 5.81 -10.56 18.58
CA GLU A 269 5.79 -10.54 18.59
C GLU A 269 4.53 -10.94 17.83
N ALA A 270 4.12 -10.08 16.90
CA ALA A 270 2.91 -10.34 16.07
C ALA A 270 3.02 -11.58 15.22
N LEU A 271 4.25 -12.00 14.97
CA LEU A 271 4.53 -13.17 14.11
C LEU A 271 4.99 -14.34 14.93
N ASN A 272 5.08 -14.12 16.23
CA ASN A 272 5.44 -15.20 17.19
C ASN A 272 4.35 -16.27 17.19
N PRO A 273 4.71 -17.54 16.96
CA PRO A 273 3.70 -18.60 16.90
C PRO A 273 2.75 -18.61 18.07
N ALA A 274 3.22 -18.22 19.24
CA ALA A 274 2.36 -18.24 20.41
C ALA A 274 1.25 -17.18 20.29
N LYS A 275 1.59 -16.02 19.77
CA LYS A 275 0.62 -14.95 19.59
C LYS A 275 -0.28 -15.25 18.40
N VAL A 276 0.32 -15.84 17.37
CA VAL A 276 -0.42 -16.21 16.16
C VAL A 276 -1.48 -17.24 16.53
N LYS A 277 -1.12 -18.18 17.39
CA LYS A 277 -2.09 -19.19 17.83
C LYS A 277 -3.25 -18.54 18.61
N GLN A 278 -2.94 -17.52 19.41
CA GLN A 278 -4.01 -16.80 20.11
C GLN A 278 -4.95 -16.11 19.14
N ALA A 279 -4.40 -15.53 18.08
CA ALA A 279 -5.20 -14.85 17.04
C ALA A 279 -6.09 -15.89 16.34
N ALA A 280 -5.50 -17.04 16.06
CA ALA A 280 -6.22 -18.13 15.37
C ALA A 280 -7.42 -18.60 16.22
N GLU A 281 -7.19 -18.71 17.50
CA GLU A 281 -8.24 -19.13 18.42
C GLU A 281 -9.36 -18.09 18.45
N LEU A 282 -8.96 -16.84 18.38
CA LEU A 282 -9.92 -15.77 18.42
C LEU A 282 -10.82 -15.86 17.20
N ILE A 283 -10.19 -16.11 16.07
CA ILE A 283 -10.85 -16.15 14.77
C ILE A 283 -11.77 -17.35 14.63
N ALA A 284 -11.28 -18.48 15.10
CA ALA A 284 -12.03 -19.74 14.94
C ALA A 284 -13.15 -19.79 15.98
N GLY A 285 -13.05 -18.89 16.95
CA GLY A 285 -14.04 -18.76 18.03
C GLY A 285 -13.67 -19.51 19.30
N VAL B 9 -2.98 33.47 -15.23
CA VAL B 9 -1.65 33.92 -14.68
C VAL B 9 -0.69 34.14 -15.84
N GLY B 10 -0.18 35.36 -15.89
CA GLY B 10 0.74 35.73 -16.94
C GLY B 10 2.01 34.91 -16.90
N PRO B 11 2.78 34.99 -18.00
CA PRO B 11 4.01 34.26 -17.95
C PRO B 11 4.92 35.04 -17.03
N LYS B 12 5.58 34.30 -16.17
CA LYS B 12 6.48 34.88 -15.21
C LYS B 12 7.86 34.46 -15.56
N THR B 13 8.82 35.21 -15.06
CA THR B 13 10.21 34.79 -15.19
C THR B 13 10.51 34.00 -13.92
N VAL B 14 10.84 32.74 -14.13
CA VAL B 14 11.05 31.80 -13.07
C VAL B 14 12.49 31.37 -13.06
N ALA B 15 13.17 31.69 -11.95
CA ALA B 15 14.56 31.29 -11.77
C ALA B 15 14.52 30.06 -10.91
N ILE B 16 15.25 29.05 -11.31
CA ILE B 16 15.33 27.80 -10.55
C ILE B 16 16.77 27.60 -10.12
N LEU B 17 16.93 27.52 -8.82
CA LEU B 17 18.27 27.28 -8.21
C LEU B 17 18.47 25.77 -8.13
N GLY B 18 19.63 25.30 -8.56
CA GLY B 18 19.92 23.86 -8.60
C GLY B 18 19.22 23.21 -9.78
N ALA B 19 19.07 24.03 -10.81
CA ALA B 19 18.30 23.66 -12.02
C ALA B 19 18.74 22.39 -12.73
N GLY B 20 20.01 22.04 -12.64
CA GLY B 20 20.51 20.92 -13.42
C GLY B 20 20.70 19.65 -12.66
N GLY B 21 20.41 19.73 -11.39
CA GLY B 21 20.54 18.60 -10.51
C GLY B 21 19.36 17.66 -10.58
N LYS B 22 19.50 16.67 -9.72
CA LYS B 22 18.53 15.62 -9.49
C LYS B 22 17.16 16.20 -9.23
N GLY B 24 16.17 19.17 -9.71
CA GLY B 24 15.78 20.31 -10.55
C GLY B 24 15.58 20.10 -12.00
N ALA B 25 16.19 19.07 -12.55
CA ALA B 25 16.20 18.94 -14.01
C ALA B 25 14.79 18.71 -14.59
N ARG B 26 14.01 17.98 -13.83
CA ARG B 26 12.66 17.59 -14.32
C ARG B 26 11.73 18.81 -14.36
N ILE B 27 11.74 19.50 -13.25
CA ILE B 27 10.94 20.72 -13.16
C ILE B 27 11.45 21.83 -14.07
N THR B 28 12.74 21.86 -14.32
CA THR B 28 13.34 22.85 -15.19
C THR B 28 12.85 22.64 -16.63
N ARG B 29 12.80 21.38 -17.04
CA ARG B 29 12.31 21.05 -18.39
C ARG B 29 10.86 21.52 -18.56
N LYS B 30 10.07 21.27 -17.55
CA LYS B 30 8.65 21.64 -17.55
C LYS B 30 8.49 23.16 -17.68
N ILE B 31 9.31 23.91 -16.96
CA ILE B 31 9.23 25.38 -17.04
C ILE B 31 9.76 25.83 -18.39
N HIS B 32 10.83 25.19 -18.84
CA HIS B 32 11.41 25.53 -20.10
C HIS B 32 10.36 25.39 -21.19
N ASP B 33 9.65 24.28 -21.17
CA ASP B 33 8.65 23.99 -22.21
C ASP B 33 7.40 24.88 -22.07
N SER B 34 7.18 25.45 -20.90
CA SER B 34 5.99 26.28 -20.64
C SER B 34 6.17 27.68 -21.18
N ALA B 35 5.11 28.48 -21.08
CA ALA B 35 5.16 29.86 -21.53
C ALA B 35 5.95 30.76 -20.58
N HIS B 36 6.22 30.25 -19.38
CA HIS B 36 7.00 31.00 -18.42
C HIS B 36 8.45 31.08 -18.92
N HIS B 37 9.09 32.18 -18.61
CA HIS B 37 10.46 32.39 -19.01
C HIS B 37 11.36 31.84 -17.93
N LEU B 38 12.35 31.09 -18.34
CA LEU B 38 13.21 30.39 -17.42
C LEU B 38 14.58 31.01 -17.24
N ALA B 39 15.04 31.05 -16.00
CA ALA B 39 16.45 31.35 -15.69
C ALA B 39 16.99 30.14 -14.90
N ALA B 40 17.79 29.30 -15.55
CA ALA B 40 18.35 28.07 -14.93
C ALA B 40 19.66 28.40 -14.25
N ILE B 41 19.63 28.37 -12.91
CA ILE B 41 20.80 28.68 -12.07
C ILE B 41 21.41 27.37 -11.62
N GLU B 42 22.66 27.19 -11.98
CA GLU B 42 23.35 25.94 -11.70
C GLU B 42 24.84 26.12 -11.81
N ILE B 43 25.55 25.79 -10.74
CA ILE B 43 27.02 25.95 -10.79
C ILE B 43 27.75 24.63 -10.90
N ALA B 44 27.04 23.50 -10.74
CA ALA B 44 27.70 22.17 -10.86
C ALA B 44 27.99 21.88 -12.32
N PRO B 45 29.24 21.49 -12.66
CA PRO B 45 29.55 21.21 -14.05
C PRO B 45 28.63 20.17 -14.68
N GLU B 46 28.32 19.10 -13.96
CA GLU B 46 27.47 18.07 -14.52
CA GLU B 46 27.46 18.04 -14.48
C GLU B 46 26.06 18.58 -14.72
N GLY B 47 25.59 19.43 -13.81
CA GLY B 47 24.25 20.01 -13.92
C GLY B 47 24.17 20.96 -15.11
N ARG B 48 25.26 21.66 -15.32
CA ARG B 48 25.34 22.64 -16.43
C ARG B 48 25.32 21.90 -17.79
N ASP B 49 26.02 20.78 -17.84
CA ASP B 49 26.06 20.00 -19.07
C ASP B 49 24.67 19.49 -19.33
N ARG B 50 23.97 19.15 -18.26
CA ARG B 50 22.59 18.61 -18.35
C ARG B 50 21.68 19.72 -18.92
N LEU B 51 21.82 20.92 -18.40
CA LEU B 51 20.99 22.05 -18.87
C LEU B 51 21.31 22.38 -20.34
N GLN B 52 22.60 22.40 -20.66
CA GLN B 52 23.02 22.72 -22.04
C GLN B 52 22.49 21.69 -23.02
N GLY B 53 22.43 20.46 -22.53
CA GLY B 53 21.98 19.35 -23.33
C GLY B 53 20.47 19.42 -23.51
N GLY B 55 19.23 22.32 -24.21
CA GLY B 55 19.13 23.51 -25.01
C GLY B 55 18.80 24.72 -24.16
N ILE B 56 19.00 24.58 -22.85
CA ILE B 56 18.79 25.70 -21.93
C ILE B 56 20.04 26.54 -21.71
N PRO B 57 19.94 27.84 -21.96
CA PRO B 57 21.06 28.77 -21.74
C PRO B 57 21.53 28.74 -20.31
N LEU B 58 22.82 28.84 -20.13
CA LEU B 58 23.34 28.78 -18.79
C LEU B 58 23.36 30.19 -18.29
N THR B 59 23.41 30.36 -16.98
CA THR B 59 23.50 31.68 -16.49
C THR B 59 24.83 31.80 -15.81
N ASP B 60 25.33 33.00 -15.88
CA ASP B 60 26.55 33.32 -15.24
C ASP B 60 26.20 34.56 -14.48
N GLY B 61 26.81 34.72 -13.33
CA GLY B 61 26.60 35.92 -12.55
C GLY B 61 25.23 35.98 -11.97
N ASP B 62 24.80 37.22 -11.72
CA ASP B 62 23.56 37.50 -10.99
C ASP B 62 22.61 38.47 -11.67
N GLY B 63 22.82 38.70 -12.93
CA GLY B 63 21.95 39.60 -13.67
C GLY B 63 20.54 39.09 -13.62
N TRP B 64 20.46 37.79 -13.43
CA TRP B 64 19.16 37.12 -13.41
C TRP B 64 18.30 37.56 -12.23
N ILE B 65 18.99 37.85 -11.14
CA ILE B 65 18.32 38.14 -9.87
C ILE B 65 17.35 39.28 -10.05
N ASP B 66 17.74 40.23 -10.88
CA ASP B 66 16.98 41.46 -11.09
C ASP B 66 15.82 41.25 -12.04
N GLU B 67 15.79 40.05 -12.62
CA GLU B 67 14.74 39.71 -13.60
C GLU B 67 13.70 38.71 -13.07
N ALA B 68 14.04 38.05 -11.98
CA ALA B 68 13.19 36.95 -11.42
C ALA B 68 11.97 37.38 -10.66
N ASP B 69 10.81 36.96 -11.15
CA ASP B 69 9.52 37.16 -10.50
C ASP B 69 9.31 36.08 -9.44
N VAL B 70 9.88 34.92 -9.75
CA VAL B 70 9.76 33.71 -8.90
C VAL B 70 11.13 33.07 -8.82
N VAL B 71 11.54 32.68 -7.61
CA VAL B 71 12.79 31.95 -7.42
C VAL B 71 12.49 30.64 -6.72
N VAL B 72 12.76 29.55 -7.44
CA VAL B 72 12.45 28.21 -6.94
C VAL B 72 13.69 27.57 -6.32
N LEU B 73 13.59 27.17 -5.06
CA LEU B 73 14.71 26.57 -4.35
C LEU B 73 14.70 25.07 -4.46
N ALA B 74 15.19 24.58 -5.60
CA ALA B 74 15.21 23.12 -5.91
C ALA B 74 16.48 22.48 -5.35
N LEU B 75 16.54 22.61 -4.04
CA LEU B 75 17.70 22.19 -3.23
C LEU B 75 17.29 21.38 -2.00
N PRO B 76 18.20 20.54 -1.50
CA PRO B 76 17.89 19.77 -0.30
C PRO B 76 17.65 20.61 0.94
N ASP B 77 16.75 20.08 1.75
CA ASP B 77 16.30 20.72 3.00
C ASP B 77 17.40 21.21 3.91
N ASN B 78 18.49 20.47 3.97
CA ASN B 78 19.56 20.85 4.90
C ASN B 78 20.38 22.05 4.44
N ILE B 79 20.12 22.56 3.25
CA ILE B 79 20.87 23.75 2.82
C ILE B 79 19.95 24.90 2.50
N ILE B 80 18.64 24.67 2.65
CA ILE B 80 17.66 25.71 2.36
C ILE B 80 17.87 26.94 3.21
N GLU B 81 18.24 26.74 4.48
CA GLU B 81 18.40 27.93 5.32
C GLU B 81 19.54 28.79 4.83
N LYS B 82 20.66 28.15 4.54
CA LYS B 82 21.85 28.91 4.11
C LYS B 82 21.62 29.60 2.76
N VAL B 83 21.05 28.84 1.82
CA VAL B 83 20.79 29.37 0.49
C VAL B 83 19.81 30.55 0.56
N ALA B 84 18.74 30.37 1.33
CA ALA B 84 17.77 31.45 1.49
C ALA B 84 18.41 32.67 2.13
N GLU B 85 19.29 32.44 3.08
CA GLU B 85 19.97 33.53 3.80
C GLU B 85 20.77 34.37 2.84
N ASP B 86 21.22 33.72 1.77
CA ASP B 86 22.00 34.42 0.80
C ASP B 86 21.11 35.11 -0.23
N ILE B 87 20.07 34.40 -0.69
CA ILE B 87 19.29 34.89 -1.84
C ILE B 87 18.16 35.86 -1.46
N VAL B 88 17.55 35.61 -0.32
CA VAL B 88 16.38 36.42 0.06
C VAL B 88 16.65 37.93 0.15
N PRO B 89 17.79 38.33 0.72
CA PRO B 89 18.00 39.80 0.74
C PRO B 89 18.34 40.39 -0.61
N ARG B 90 18.59 39.54 -1.60
CA ARG B 90 19.07 40.03 -2.90
C ARG B 90 17.99 40.23 -3.92
N VAL B 91 16.83 39.62 -3.70
CA VAL B 91 15.72 39.67 -4.68
C VAL B 91 14.93 40.97 -4.62
N ARG B 92 14.21 41.29 -5.69
CA ARG B 92 13.42 42.52 -5.68
C ARG B 92 12.18 42.38 -4.77
N PRO B 93 11.68 43.50 -4.24
CA PRO B 93 10.41 43.34 -3.43
C PRO B 93 9.36 42.68 -4.27
N GLY B 94 8.57 41.83 -3.61
CA GLY B 94 7.45 41.15 -4.25
C GLY B 94 7.80 39.89 -4.99
N THR B 95 9.09 39.56 -4.98
CA THR B 95 9.53 38.29 -5.56
C THR B 95 8.94 37.15 -4.75
N ILE B 96 8.53 36.10 -5.46
CA ILE B 96 8.03 34.87 -4.86
C ILE B 96 9.14 33.87 -4.74
N VAL B 97 9.48 33.60 -3.48
CA VAL B 97 10.47 32.58 -3.11
C VAL B 97 9.68 31.30 -2.85
N LEU B 98 9.90 30.31 -3.72
CA LEU B 98 9.12 29.09 -3.73
C LEU B 98 9.94 27.92 -3.26
N ILE B 99 9.46 27.42 -2.14
CA ILE B 99 10.06 26.30 -1.41
C ILE B 99 9.26 25.04 -1.71
N LEU B 100 9.97 23.92 -1.85
CA LEU B 100 9.32 22.67 -2.28
C LEU B 100 9.04 21.67 -1.16
N ASP B 101 9.15 22.17 0.05
CA ASP B 101 9.03 21.36 1.28
C ASP B 101 8.76 22.30 2.44
N ALA B 102 7.85 21.88 3.31
CA ALA B 102 7.47 22.71 4.42
C ALA B 102 8.43 22.68 5.63
N ALA B 103 9.44 21.83 5.59
CA ALA B 103 10.30 21.68 6.79
C ALA B 103 10.99 22.98 7.21
N ALA B 104 11.77 23.57 6.33
CA ALA B 104 12.46 24.83 6.67
C ALA B 104 11.48 25.94 7.06
N PRO B 105 10.44 26.13 6.26
CA PRO B 105 9.43 27.09 6.65
C PRO B 105 8.85 26.88 8.05
N TYR B 106 8.38 25.67 8.32
CA TYR B 106 7.73 25.38 9.62
C TYR B 106 8.72 25.40 10.81
N ALA B 107 9.97 25.09 10.50
CA ALA B 107 11.04 25.13 11.52
C ALA B 107 11.28 26.56 11.96
N GLY B 108 10.91 27.51 11.11
CA GLY B 108 11.10 28.91 11.41
C GLY B 108 12.48 29.46 11.05
N VAL B 109 13.11 28.86 10.08
CA VAL B 109 14.50 29.23 9.75
C VAL B 109 14.57 30.08 8.50
N PRO B 111 14.65 33.37 6.37
CA PRO B 111 15.00 34.73 6.79
C PRO B 111 13.82 35.67 6.87
N GLU B 112 13.90 36.58 7.82
CA GLU B 112 12.88 37.58 8.00
C GLU B 112 13.02 38.64 6.92
N ARG B 113 12.04 38.70 6.06
CA ARG B 113 11.94 39.80 5.08
C ARG B 113 10.47 39.95 4.67
N ALA B 114 9.85 40.97 5.21
CA ALA B 114 8.40 41.14 5.07
C ALA B 114 7.90 41.40 3.67
N ASP B 115 8.72 42.05 2.84
CA ASP B 115 8.27 42.56 1.54
C ASP B 115 8.48 41.63 0.36
N ILE B 116 8.73 40.36 0.68
CA ILE B 116 8.76 39.29 -0.33
C ILE B 116 7.72 38.24 0.04
N THR B 117 7.49 37.34 -0.88
CA THR B 117 6.51 36.26 -0.68
C THR B 117 7.23 34.93 -0.52
N TYR B 118 6.73 34.15 0.42
CA TYR B 118 7.17 32.75 0.58
C TYR B 118 5.97 31.88 0.26
N PHE B 119 6.16 30.97 -0.69
CA PHE B 119 5.15 30.05 -1.18
C PHE B 119 5.72 28.65 -1.10
N ILE B 120 4.94 27.73 -0.52
CA ILE B 120 5.34 26.34 -0.38
C ILE B 120 4.46 25.43 -1.23
N GLY B 121 5.09 24.52 -1.96
CA GLY B 121 4.34 23.52 -2.70
C GLY B 121 4.97 22.14 -2.49
N HIS B 122 4.14 21.11 -2.61
CA HIS B 122 4.64 19.77 -2.50
C HIS B 122 3.70 18.79 -3.22
N PRO B 123 4.28 17.83 -3.94
CA PRO B 123 3.39 16.89 -4.65
C PRO B 123 2.79 15.84 -3.77
N CYS B 124 1.61 15.36 -4.15
CA CYS B 124 1.02 14.23 -3.43
C CYS B 124 1.60 12.90 -3.89
N HIS B 125 2.11 12.93 -5.12
CA HIS B 125 2.56 11.79 -5.95
C HIS B 125 1.33 11.09 -6.53
N PRO B 126 1.53 10.36 -7.69
CA PRO B 126 0.39 9.67 -8.31
C PRO B 126 -0.24 8.68 -7.36
N PRO B 127 -1.58 8.58 -7.36
CA PRO B 127 -2.22 7.65 -6.43
C PRO B 127 -2.11 6.18 -6.77
N LEU B 128 -2.38 5.37 -5.76
N LEU B 128 -1.84 5.47 -5.68
CA LEU B 128 -2.65 3.97 -5.96
CA LEU B 128 -1.59 4.07 -5.64
C LEU B 128 -4.03 3.84 -6.60
C LEU B 128 -2.57 3.34 -6.56
N PHE B 129 -4.26 2.70 -7.25
N PHE B 129 -3.86 3.66 -6.47
CA PHE B 129 -5.53 2.33 -7.86
CA PHE B 129 -4.89 3.04 -7.34
C PHE B 129 -6.00 3.32 -8.93
C PHE B 129 -5.22 4.07 -8.40
N ASN B 130 -5.01 3.71 -9.67
CA ASN B 130 -5.24 4.62 -10.75
C ASN B 130 -5.53 3.80 -11.97
N ASP B 131 -5.96 4.45 -13.03
CA ASP B 131 -6.25 3.75 -14.27
C ASP B 131 -5.34 4.19 -15.40
N GLU B 132 -4.15 4.66 -15.04
CA GLU B 132 -3.18 5.03 -16.07
C GLU B 132 -2.95 3.87 -17.01
N THR B 133 -2.90 4.16 -18.32
CA THR B 133 -2.64 3.16 -19.36
C THR B 133 -1.29 3.28 -20.04
N ASP B 134 -0.71 4.50 -20.07
CA ASP B 134 0.63 4.68 -20.64
C ASP B 134 1.62 3.99 -19.73
N PRO B 135 2.41 3.04 -20.24
CA PRO B 135 3.30 2.30 -19.36
C PRO B 135 4.25 3.22 -18.62
N ALA B 136 4.67 4.30 -19.27
CA ALA B 136 5.58 5.25 -18.60
C ALA B 136 4.86 5.93 -17.41
N ALA B 137 3.54 6.04 -17.49
CA ALA B 137 2.77 6.63 -16.43
C ALA B 137 2.51 5.60 -15.33
N ARG B 138 2.34 4.36 -15.75
CA ARG B 138 2.09 3.26 -14.81
C ARG B 138 3.28 3.00 -13.86
N THR B 139 4.48 3.30 -14.32
CA THR B 139 5.69 3.11 -13.52
C THR B 139 6.23 4.45 -12.97
N ASP B 140 5.41 5.49 -13.07
CA ASP B 140 5.75 6.83 -12.53
C ASP B 140 5.18 6.92 -11.15
N TYR B 141 6.03 6.67 -10.17
CA TYR B 141 5.55 6.67 -8.78
C TYR B 141 5.72 8.03 -8.13
N HIS B 142 6.48 8.92 -8.79
CA HIS B 142 6.72 10.23 -8.21
C HIS B 142 5.92 11.39 -8.73
N GLY B 143 5.61 11.31 -10.03
CA GLY B 143 4.87 12.35 -10.75
C GLY B 143 5.64 12.95 -11.91
N GLY B 144 4.93 13.68 -12.75
CA GLY B 144 5.54 14.32 -13.92
C GLY B 144 5.10 13.66 -15.21
N ILE B 145 4.52 12.46 -15.07
CA ILE B 145 4.01 11.66 -16.24
C ILE B 145 2.58 11.21 -15.91
N ALA B 146 2.45 10.46 -14.80
CA ALA B 146 1.12 10.10 -14.25
C ALA B 146 0.51 11.31 -13.57
N LYS B 147 -0.81 11.35 -13.50
CA LYS B 147 -1.56 12.42 -12.90
C LYS B 147 -1.39 12.36 -11.40
N GLN B 148 -1.35 13.53 -10.78
CA GLN B 148 -1.27 13.61 -9.30
C GLN B 148 -1.92 14.90 -8.84
N ALA B 149 -2.26 14.91 -7.56
CA ALA B 149 -2.71 16.13 -6.93
C ALA B 149 -1.45 16.75 -6.25
N ILE B 150 -1.54 18.01 -5.83
CA ILE B 150 -0.49 18.72 -5.13
C ILE B 150 -1.10 19.52 -3.97
N VAL B 151 -0.24 19.94 -3.03
CA VAL B 151 -0.66 20.77 -1.91
C VAL B 151 0.20 22.02 -1.92
N CYS B 152 -0.43 23.16 -1.63
CA CYS B 152 0.26 24.45 -1.67
C CYS B 152 -0.16 25.32 -0.52
N ALA B 153 0.79 26.12 -0.07
CA ALA B 153 0.55 27.08 0.99
C ALA B 153 1.17 28.43 0.69
N LEU B 154 0.40 29.50 0.89
CA LEU B 154 0.95 30.86 0.92
C LEU B 154 1.43 31.12 2.35
N GLN B 156 3.65 33.59 3.35
CA GLN B 156 3.55 35.03 3.57
CA GLN B 156 3.71 35.02 3.57
C GLN B 156 3.53 35.72 2.23
N GLY B 157 2.93 36.89 2.22
CA GLY B 157 2.83 37.68 1.03
C GLY B 157 1.41 37.99 0.65
N PRO B 158 1.25 38.81 -0.40
CA PRO B 158 -0.11 39.22 -0.81
C PRO B 158 -0.89 38.07 -1.37
N GLU B 159 -2.18 38.13 -1.13
CA GLU B 159 -3.08 37.08 -1.53
C GLU B 159 -3.01 36.68 -3.00
N GLU B 160 -2.79 37.65 -3.87
CA GLU B 160 -2.79 37.43 -5.32
C GLU B 160 -1.64 36.51 -5.76
N HIS B 161 -0.66 36.42 -4.90
CA HIS B 161 0.51 35.54 -5.15
C HIS B 161 0.17 34.09 -4.97
N TYR B 162 -0.91 33.77 -4.28
CA TYR B 162 -1.27 32.34 -4.15
C TYR B 162 -1.48 31.74 -5.58
N ALA B 163 -2.33 32.38 -6.37
CA ALA B 163 -2.61 31.82 -7.74
C ALA B 163 -1.37 31.67 -8.57
N ILE B 164 -0.47 32.61 -8.40
CA ILE B 164 0.79 32.63 -9.18
C ILE B 164 1.64 31.42 -8.82
N GLY B 165 1.90 31.26 -7.53
CA GLY B 165 2.65 30.13 -7.02
C GLY B 165 2.00 28.82 -7.40
N ALA B 166 0.67 28.75 -7.29
CA ALA B 166 -0.02 27.53 -7.65
C ALA B 166 0.14 27.15 -9.09
N ASP B 167 0.11 28.16 -9.95
CA ASP B 167 0.29 27.96 -11.39
C ASP B 167 1.68 27.44 -11.71
N ILE B 168 2.69 27.99 -11.02
CA ILE B 168 4.05 27.55 -11.24
C ILE B 168 4.18 26.07 -10.82
N CYS B 169 3.58 25.74 -9.68
CA CYS B 169 3.68 24.34 -9.20
C CYS B 169 2.95 23.36 -10.13
N GLU B 170 1.82 23.82 -10.63
CA GLU B 170 1.00 23.02 -11.59
C GLU B 170 1.77 22.75 -12.89
N THR B 171 2.64 23.69 -13.25
CA THR B 171 3.47 23.57 -14.46
C THR B 171 4.62 22.61 -14.17
N TRP B 173 4.90 20.25 -11.99
CA TRP B 173 4.52 18.90 -11.53
C TRP B 173 3.39 18.28 -12.37
N SER B 174 3.17 18.86 -13.57
CA SER B 174 2.11 18.44 -14.49
C SER B 174 2.26 16.97 -14.91
N PRO B 175 1.14 16.28 -15.13
CA PRO B 175 -0.21 16.73 -15.04
C PRO B 175 -0.74 16.67 -13.62
N VAL B 176 -1.29 17.79 -13.21
CA VAL B 176 -1.86 17.95 -11.84
C VAL B 176 -3.38 18.00 -12.01
N THR B 177 -4.05 17.21 -11.20
CA THR B 177 -5.51 17.10 -11.20
C THR B 177 -6.17 18.12 -10.28
N ARG B 178 -5.71 18.14 -9.05
CA ARG B 178 -6.25 19.02 -8.00
C ARG B 178 -5.10 19.71 -7.26
N THR B 179 -5.29 21.00 -6.98
CA THR B 179 -4.32 21.76 -6.20
C THR B 179 -5.04 22.17 -4.92
N HIS B 180 -4.62 21.57 -3.83
CA HIS B 180 -5.17 21.82 -2.52
C HIS B 180 -4.43 22.90 -1.74
N ARG B 181 -5.16 23.96 -1.41
CA ARG B 181 -4.60 25.05 -0.65
C ARG B 181 -4.74 24.73 0.83
N VAL B 182 -3.61 24.85 1.50
CA VAL B 182 -3.50 24.62 2.94
C VAL B 182 -2.67 25.73 3.58
N THR B 183 -2.67 25.72 4.92
CA THR B 183 -1.75 26.61 5.66
C THR B 183 -0.36 26.00 5.76
N THR B 184 0.61 26.83 6.14
CA THR B 184 1.98 26.36 6.33
C THR B 184 2.03 25.20 7.32
N GLU B 185 1.33 25.36 8.43
CA GLU B 185 1.33 24.32 9.47
CA GLU B 185 1.32 24.33 9.48
C GLU B 185 0.69 23.03 8.95
N GLN B 186 -0.42 23.19 8.23
CA GLN B 186 -1.12 22.03 7.69
C GLN B 186 -0.23 21.26 6.71
N LEU B 187 0.56 22.01 5.92
CA LEU B 187 1.43 21.40 4.92
C LEU B 187 2.52 20.61 5.68
N ALA B 188 3.00 21.18 6.77
CA ALA B 188 4.03 20.49 7.61
C ALA B 188 3.48 19.23 8.25
N ILE B 189 2.23 19.30 8.66
CA ILE B 189 1.53 18.11 9.21
C ILE B 189 1.48 16.99 8.19
N LEU B 190 1.24 17.32 6.94
CA LEU B 190 1.23 16.33 5.86
C LEU B 190 2.63 15.83 5.56
N GLU B 191 3.60 16.74 5.56
CA GLU B 191 5.02 16.40 5.35
C GLU B 191 5.87 17.41 6.10
N PRO B 192 6.63 16.92 7.07
CA PRO B 192 6.94 15.49 7.32
C PRO B 192 5.98 14.63 8.10
N GLY B 193 4.94 15.20 8.66
CA GLY B 193 4.08 14.42 9.53
C GLY B 193 3.55 13.10 9.02
N LEU B 194 2.63 13.23 8.11
CA LEU B 194 1.90 12.09 7.60
C LEU B 194 2.81 11.24 6.75
N SER B 195 3.60 11.88 5.89
CA SER B 195 4.45 11.14 4.95
C SER B 195 5.64 10.40 5.58
N GLU B 196 6.34 11.06 6.51
CA GLU B 196 7.60 10.54 7.08
C GLU B 196 7.52 10.04 8.49
N VAL B 198 4.39 8.95 9.88
CA VAL B 198 3.33 7.97 9.96
C VAL B 198 3.52 6.89 8.90
N ALA B 199 3.43 7.26 7.62
CA ALA B 199 3.52 6.27 6.55
C ALA B 199 4.87 5.55 6.48
N PRO B 201 7.40 4.89 8.60
CA PRO B 201 7.81 3.81 9.48
C PRO B 201 6.98 2.53 9.32
N PHE B 202 5.73 2.70 9.02
CA PHE B 202 4.88 1.57 8.79
C PHE B 202 5.25 0.81 7.53
N VAL B 203 5.62 1.53 6.48
CA VAL B 203 6.05 0.86 5.23
C VAL B 203 7.33 0.08 5.51
N GLU B 204 8.27 0.69 6.24
CA GLU B 204 9.51 -0.01 6.56
C GLU B 204 9.27 -1.24 7.43
N THR B 205 8.28 -1.15 8.30
CA THR B 205 7.94 -2.25 9.19
C THR B 205 7.37 -3.41 8.32
N VAL B 207 8.28 -4.21 5.31
CA VAL B 207 9.45 -4.90 4.71
C VAL B 207 10.14 -5.77 5.74
N HIS B 208 10.29 -5.21 6.92
CA HIS B 208 10.97 -5.93 7.97
C HIS B 208 10.17 -7.14 8.41
N ALA B 209 8.87 -7.05 8.22
CA ALA B 209 7.99 -8.14 8.63
C ALA B 209 8.19 -9.32 7.65
N VAL B 210 8.33 -8.96 6.37
CA VAL B 210 8.66 -9.93 5.34
C VAL B 210 10.01 -10.56 5.71
N ASP B 211 10.96 -9.73 6.11
CA ASP B 211 12.29 -10.26 6.47
C ASP B 211 12.21 -11.23 7.65
N GLU B 212 11.36 -10.92 8.63
CA GLU B 212 11.21 -11.78 9.82
C GLU B 212 10.70 -13.18 9.42
N CYS B 213 9.76 -13.21 8.47
CA CYS B 213 9.17 -14.46 8.02
C CYS B 213 10.23 -15.34 7.43
N ALA B 214 11.12 -14.70 6.69
CA ALA B 214 12.21 -15.40 5.97
C ALA B 214 13.38 -15.74 6.85
N ASP B 215 13.76 -14.83 7.75
CA ASP B 215 14.96 -15.01 8.56
C ASP B 215 14.74 -15.83 9.79
N ARG B 216 13.57 -15.69 10.40
CA ARG B 216 13.31 -16.37 11.65
C ARG B 216 12.46 -17.61 11.51
N TYR B 217 11.54 -17.60 10.54
CA TYR B 217 10.55 -18.69 10.40
C TYR B 217 10.69 -19.58 9.17
N GLY B 218 11.73 -19.31 8.40
CA GLY B 218 12.16 -20.15 7.30
C GLY B 218 11.27 -20.16 6.09
N ILE B 219 10.46 -19.13 5.95
CA ILE B 219 9.55 -18.99 4.81
C ILE B 219 10.33 -18.39 3.64
N ASP B 220 10.14 -19.00 2.48
CA ASP B 220 10.76 -18.52 1.25
CA ASP B 220 10.79 -18.50 1.26
C ASP B 220 10.47 -17.03 1.16
N ARG B 221 11.48 -16.19 0.94
CA ARG B 221 11.17 -14.73 0.94
C ARG B 221 10.15 -14.36 -0.12
N GLN B 222 10.21 -15.00 -1.28
CA GLN B 222 9.28 -14.66 -2.36
C GLN B 222 7.85 -14.99 -1.97
N ALA B 223 7.66 -16.04 -1.16
CA ALA B 223 6.31 -16.39 -0.69
C ALA B 223 5.79 -15.31 0.27
N ALA B 224 6.65 -14.88 1.20
CA ALA B 224 6.28 -13.83 2.14
C ALA B 224 6.03 -12.52 1.41
N LEU B 225 6.87 -12.23 0.43
CA LEU B 225 6.72 -10.99 -0.36
CA LEU B 225 6.74 -11.00 -0.33
C LEU B 225 5.44 -10.98 -1.17
N ASP B 226 5.20 -12.09 -1.84
CA ASP B 226 3.97 -12.24 -2.66
C ASP B 226 2.75 -12.05 -1.77
N PHE B 227 2.82 -12.61 -0.58
CA PHE B 227 1.70 -12.61 0.37
C PHE B 227 1.45 -11.18 0.83
N ILE B 229 2.49 -8.29 -0.57
CA ILE B 229 2.21 -7.32 -1.66
C ILE B 229 0.76 -7.48 -2.12
N GLY B 230 0.27 -8.72 -2.15
CA GLY B 230 -1.13 -8.98 -2.46
C GLY B 230 -2.05 -8.52 -1.36
N HIS B 231 -1.65 -8.71 -0.11
CA HIS B 231 -2.48 -8.25 0.99
C HIS B 231 -2.53 -6.74 1.11
N LEU B 232 -1.45 -6.07 0.78
CA LEU B 232 -1.47 -4.60 0.80
C LEU B 232 -2.50 -4.12 -0.24
N ASN B 233 -2.56 -4.81 -1.36
CA ASN B 233 -3.52 -4.48 -2.41
C ASN B 233 -4.94 -4.57 -1.86
N VAL B 234 -5.31 -5.73 -1.33
CA VAL B 234 -6.69 -5.94 -0.92
C VAL B 234 -7.04 -5.10 0.31
N GLU B 235 -6.10 -4.98 1.25
CA GLU B 235 -6.33 -4.26 2.53
C GLU B 235 -6.42 -2.76 2.30
N ILE B 236 -5.45 -2.20 1.56
CA ILE B 236 -5.50 -0.75 1.32
C ILE B 236 -6.77 -0.43 0.54
N ALA B 237 -7.09 -1.27 -0.41
CA ALA B 237 -8.29 -1.06 -1.28
C ALA B 237 -9.56 -1.06 -0.41
N TRP B 239 -9.85 -0.67 2.99
CA TRP B 239 -9.83 0.33 4.06
C TRP B 239 -10.02 1.73 3.57
N PHE B 240 -9.62 1.98 2.32
CA PHE B 240 -9.73 3.31 1.74
C PHE B 240 -10.91 3.42 0.77
N GLY B 241 -11.77 2.42 0.76
CA GLY B 241 -13.04 2.56 0.04
C GLY B 241 -13.03 2.32 -1.44
N TYR B 242 -12.02 1.60 -1.90
CA TYR B 242 -11.89 1.21 -3.33
C TYR B 242 -12.57 -0.14 -3.58
N SER B 243 -12.85 -0.84 -2.50
CA SER B 243 -13.45 -2.17 -2.54
C SER B 243 -14.26 -2.38 -1.27
N PRO B 244 -15.27 -3.28 -1.29
CA PRO B 244 -16.04 -3.45 -0.04
C PRO B 244 -15.34 -4.25 1.06
N LYS B 245 -15.58 -3.87 2.29
CA LYS B 245 -15.04 -4.65 3.41
C LYS B 245 -15.80 -5.92 3.61
N VAL B 246 -15.17 -6.76 4.42
CA VAL B 246 -15.69 -8.07 4.75
C VAL B 246 -15.61 -8.36 6.26
N ALA B 250 -15.52 -11.20 14.97
CA ALA B 250 -14.18 -11.24 15.60
C ALA B 250 -13.23 -10.15 15.09
N ALA B 251 -13.63 -9.48 14.04
CA ALA B 251 -12.78 -8.44 13.39
C ALA B 251 -12.32 -7.39 14.37
N LEU B 252 -13.24 -6.98 15.22
CA LEU B 252 -13.02 -5.90 16.17
C LEU B 252 -12.04 -6.31 17.24
N ARG B 253 -12.29 -7.49 17.78
CA ARG B 253 -11.47 -8.03 18.84
C ARG B 253 -10.10 -8.29 18.31
N LEU B 254 -10.09 -8.79 17.07
CA LEU B 254 -8.85 -9.15 16.38
C LEU B 254 -8.01 -7.91 16.10
N GLU B 256 -8.19 -5.13 17.71
CA GLU B 256 -7.77 -4.56 19.00
C GLU B 256 -6.52 -5.30 19.49
N PHE B 257 -6.55 -6.60 19.27
CA PHE B 257 -5.48 -7.49 19.74
C PHE B 257 -4.18 -7.18 19.02
N ALA B 258 -4.31 -6.96 17.72
CA ALA B 258 -3.20 -6.68 16.84
C ALA B 258 -2.59 -5.29 17.10
N LYS B 259 -3.45 -4.28 17.20
CA LYS B 259 -2.94 -2.94 17.45
C LYS B 259 -2.14 -2.92 18.77
N ASP B 260 -2.63 -3.63 19.77
CA ASP B 260 -1.95 -3.68 21.05
C ASP B 260 -0.51 -4.20 20.93
N ILE B 261 -0.25 -5.04 19.95
CA ILE B 261 1.08 -5.60 19.77
CA ILE B 261 1.07 -5.62 19.72
C ILE B 261 2.00 -4.76 18.87
N VAL B 262 1.45 -4.14 17.85
CA VAL B 262 2.25 -3.44 16.85
CA VAL B 262 2.28 -3.43 16.86
C VAL B 262 2.24 -1.90 16.84
N VAL B 263 1.12 -1.31 17.23
CA VAL B 263 0.96 0.16 17.17
C VAL B 263 0.94 0.84 18.51
N LYS B 264 1.76 1.88 18.67
CA LYS B 264 1.80 2.64 19.89
CA LYS B 264 1.79 2.60 19.92
C LYS B 264 0.46 3.34 20.08
N GLU B 265 -0.07 3.26 21.27
CA GLU B 265 -1.37 3.88 21.53
C GLU B 265 -1.42 5.36 21.15
N ASP B 266 -0.32 6.09 21.40
CA ASP B 266 -0.30 7.53 21.11
C ASP B 266 0.38 7.83 19.80
N TRP B 267 0.14 6.97 18.82
CA TRP B 267 0.70 7.15 17.43
C TRP B 267 0.31 8.52 16.86
N ARG B 268 -0.81 9.08 17.30
CA ARG B 268 -1.24 10.39 16.78
C ARG B 268 -0.28 11.54 17.07
N GLU B 269 0.60 11.31 18.01
CA GLU B 269 1.63 12.29 18.38
C GLU B 269 2.50 12.64 17.15
N ALA B 270 2.59 11.71 16.20
CA ALA B 270 3.37 11.87 14.96
C ALA B 270 2.82 13.00 14.10
N LEU B 271 1.59 13.40 14.36
CA LEU B 271 0.95 14.49 13.64
C LEU B 271 0.76 15.73 14.49
N ASN B 272 1.18 15.66 15.75
CA ASN B 272 1.07 16.78 16.68
C ASN B 272 1.98 17.91 16.19
N PRO B 273 1.43 19.13 16.06
CA PRO B 273 2.28 20.23 15.64
C PRO B 273 3.59 20.38 16.34
N ALA B 274 3.60 20.12 17.65
CA ALA B 274 4.85 20.24 18.42
C ALA B 274 5.91 19.25 17.93
N LYS B 275 5.44 18.06 17.62
CA LYS B 275 6.37 16.99 17.25
C LYS B 275 6.78 17.20 15.81
N VAL B 276 5.84 17.70 15.01
CA VAL B 276 6.12 17.99 13.64
C VAL B 276 7.14 19.14 13.50
N LYS B 277 7.00 20.13 14.36
CA LYS B 277 7.95 21.25 14.38
C LYS B 277 9.34 20.74 14.77
N GLN B 278 9.42 19.81 15.74
CA GLN B 278 10.73 19.21 16.11
C GLN B 278 11.38 18.51 14.95
N ALA B 279 10.55 17.76 14.24
CA ALA B 279 11.01 16.96 13.09
C ALA B 279 11.54 17.93 12.00
N ALA B 280 10.80 19.01 11.83
CA ALA B 280 11.13 20.02 10.82
C ALA B 280 12.47 20.66 11.12
N GLU B 281 12.66 20.93 12.39
CA GLU B 281 13.88 21.59 12.83
C GLU B 281 15.06 20.70 12.62
N LEU B 282 14.80 19.41 12.73
CA LEU B 282 15.84 18.40 12.63
C LEU B 282 16.25 18.21 11.16
N ILE B 283 15.27 18.30 10.29
CA ILE B 283 15.46 18.13 8.84
C ILE B 283 16.14 19.36 8.24
N ALA B 284 15.82 20.52 8.79
CA ALA B 284 16.25 21.81 8.20
C ALA B 284 17.52 22.26 8.85
N GLY B 285 18.12 21.29 9.51
CA GLY B 285 19.39 21.43 10.26
C GLY B 285 19.70 22.84 10.76
#